data_7Q48
#
_entry.id   7Q48
#
_entity_poly.entity_id   1
_entity_poly.type   'polyribonucleotide'
_entity_poly.pdbx_seq_one_letter_code
;GGGCCAUUGGGUGGGAUCUGGG
;
_entity_poly.pdbx_strand_id   A
#
loop_
_chem_comp.id
_chem_comp.type
_chem_comp.name
_chem_comp.formula
A RNA linking ADENOSINE-5'-MONOPHOSPHATE 'C10 H14 N5 O7 P'
C RNA linking CYTIDINE-5'-MONOPHOSPHATE 'C9 H14 N3 O8 P'
G RNA linking GUANOSINE-5'-MONOPHOSPHATE 'C10 H14 N5 O8 P'
U RNA linking URIDINE-5'-MONOPHOSPHATE 'C9 H13 N2 O9 P'
#